data_6MKI
#
_entry.id   6MKI
#
_cell.length_a   123.496
_cell.length_b   85.572
_cell.length_c   82.715
_cell.angle_alpha   90.00
_cell.angle_beta   109.93
_cell.angle_gamma   90.00
#
_symmetry.space_group_name_H-M   'C 1 2 1'
#
loop_
_entity.id
_entity.type
_entity.pdbx_description
1 polymer 'penicillin-binding protein 4 (PBP4)'
2 non-polymer 'Ceftaroline, bound form'
3 non-polymer 'PHOSPHATE ION'
4 non-polymer GLYCEROL
5 water water
#
_entity_poly.entity_id   1
_entity_poly.type   'polypeptide(L)'
_entity_poly.pdbx_seq_one_letter_code
;GHMSQWQAKQELAEAKKTATTFLNVLSKQEFDKLPSVVQEASLKKNGYDTKSVVEKYQAIYSGIQAEGVKASDVQVKKAK
DNQYTFTYKLSMSTPLGEMKDLSYQSSIAKKGDTYQIAWKPSLIFPDMSGNDKISIQVDNAKRGEIVDRNGSGLAINKVF
DEVGVVPGKLGSGAEKTANIKAFSDKFGVSVDEINQKLSQGWVQADSFVPITVASEPVTELPTGAATKDTESRYYPLGEA
AAQLIGYTGTITAEDIEKNPELSSTGVIGKTGLERAFDKELRGQDGGSLVILDDKENVKKALQTKEKKDGQTIKLTIDSG
VQQQAFAIFDKRPGSAVITDPQKGDLLATVSSPSYDPNKMANGISQKEYDAYNNNKDLPFTARFATGYAPGSTFKTITGA
IGLDAGTLKPDEELEINGLKWQKDKSWGGYFATRVKEASPVNLRTALVNSDNIYFAQQTLRMGEDKFRAGLNKFIFGEEL
DLPIAMTPAQISNEDKFNSEILLADTGYGQGQLLISPIQQATMYSVFQNNGTLVYPKLVLDKETKKKDNVISANAANTIA
TDLLGSVEDPSGYVYNMYNPNFSLAAKTGTAEIKDKQDTDGKENSFLLTLDRSNNKFLTMIMVENSGENGSATDISKPLI
DYLEATIK
;
_entity_poly.pdbx_strand_id   A
#
loop_
_chem_comp.id
_chem_comp.type
_chem_comp.name
_chem_comp.formula
AI8 non-polymer 'Ceftaroline, bound form' 'C22 H23 N8 O5 S4 1'
GOL non-polymer GLYCEROL 'C3 H8 O3'
PO4 non-polymer 'PHOSPHATE ION' 'O4 P -3'
#
# COMPACT_ATOMS: atom_id res chain seq x y z
N ASN A 140 -5.75 17.61 -35.41
CA ASN A 140 -5.07 16.52 -34.72
C ASN A 140 -4.03 17.07 -33.73
N ALA A 141 -4.47 17.29 -32.50
CA ALA A 141 -3.59 17.78 -31.44
C ALA A 141 -3.01 16.62 -30.64
N LYS A 142 -1.78 16.80 -30.18
CA LYS A 142 -1.09 15.76 -29.43
C LYS A 142 -1.61 15.70 -28.00
N ARG A 143 -1.88 14.48 -27.53
CA ARG A 143 -2.34 14.30 -26.16
C ARG A 143 -1.22 14.65 -25.18
N GLY A 144 -1.62 15.17 -24.02
CA GLY A 144 -0.64 15.55 -23.00
C GLY A 144 0.10 14.34 -22.45
N GLU A 145 1.28 14.60 -21.92
CA GLU A 145 2.14 13.55 -21.41
C GLU A 145 2.03 13.44 -19.90
N ILE A 146 2.22 12.22 -19.39
CA ILE A 146 2.35 11.95 -17.97
C ILE A 146 3.80 11.59 -17.70
N VAL A 147 4.45 12.35 -16.82
CA VAL A 147 5.86 12.13 -16.52
C VAL A 147 6.00 11.87 -15.03
N ASP A 148 7.12 11.24 -14.67
CA ASP A 148 7.42 10.93 -13.27
C ASP A 148 7.94 12.18 -12.57
N ARG A 149 8.46 12.03 -11.35
CA ARG A 149 8.94 13.18 -10.62
C ARG A 149 10.20 13.78 -11.25
N ASN A 150 10.93 13.02 -12.06
CA ASN A 150 12.15 13.49 -12.69
C ASN A 150 11.96 13.82 -14.18
N GLY A 151 10.72 13.90 -14.65
CA GLY A 151 10.45 14.19 -16.05
C GLY A 151 10.45 13.00 -16.97
N SER A 152 10.85 11.82 -16.50
CA SER A 152 10.85 10.64 -17.34
C SER A 152 9.42 10.28 -17.74
N GLY A 153 9.26 9.84 -18.99
CA GLY A 153 7.93 9.64 -19.53
C GLY A 153 7.26 8.41 -18.93
N LEU A 154 6.01 8.57 -18.49
CA LEU A 154 5.15 7.48 -18.06
C LEU A 154 4.08 7.14 -19.07
N ALA A 155 3.46 8.16 -19.68
CA ALA A 155 2.50 7.98 -20.77
C ALA A 155 2.78 9.09 -21.79
N ILE A 156 3.46 8.75 -22.87
CA ILE A 156 3.91 9.72 -23.86
C ILE A 156 3.46 9.27 -25.25
N ASN A 157 3.78 10.09 -26.25
CA ASN A 157 3.48 9.82 -27.64
C ASN A 157 4.76 9.45 -28.38
N LYS A 158 4.65 8.47 -29.28
CA LYS A 158 5.79 8.05 -30.08
C LYS A 158 5.28 7.56 -31.43
N VAL A 159 5.99 7.94 -32.49
CA VAL A 159 5.61 7.59 -33.85
C VAL A 159 6.21 6.23 -34.19
N PHE A 160 5.41 5.37 -34.79
CA PHE A 160 5.84 4.05 -35.23
C PHE A 160 5.53 3.87 -36.72
N ASP A 161 6.19 2.89 -37.32
CA ASP A 161 5.90 2.47 -38.68
C ASP A 161 4.96 1.27 -38.59
N GLU A 162 3.68 1.49 -38.89
CA GLU A 162 2.65 0.48 -38.71
C GLU A 162 2.38 -0.26 -40.01
N VAL A 163 1.92 -1.49 -39.88
CA VAL A 163 1.54 -2.31 -41.04
C VAL A 163 0.03 -2.34 -41.18
N PHE A 208 -4.79 1.56 -46.12
CA PHE A 208 -4.42 0.62 -45.06
C PHE A 208 -4.21 1.33 -43.72
N VAL A 209 -4.93 0.89 -42.70
CA VAL A 209 -4.85 1.46 -41.37
C VAL A 209 -4.11 0.49 -40.45
N PRO A 210 -3.45 0.98 -39.38
CA PRO A 210 -2.72 0.12 -38.45
C PRO A 210 -3.60 -0.94 -37.78
N THR A 212 0.59 -4.33 -36.61
CA THR A 212 1.75 -4.36 -35.73
C THR A 212 2.83 -3.40 -36.21
N VAL A 213 3.84 -3.17 -35.36
CA VAL A 213 4.94 -2.27 -35.71
C VAL A 213 5.85 -2.96 -36.71
N ALA A 214 6.19 -2.26 -37.79
CA ALA A 214 7.08 -2.79 -38.81
C ALA A 214 8.52 -2.78 -38.34
N ALA A 225 -0.81 -4.79 -47.50
CA ALA A 225 -1.07 -3.63 -46.66
C ALA A 225 -0.29 -2.41 -47.13
N ALA A 226 0.16 -1.59 -46.18
CA ALA A 226 0.95 -0.41 -46.49
C ALA A 226 1.76 -0.03 -45.24
N THR A 227 2.51 1.07 -45.35
CA THR A 227 3.34 1.58 -44.27
C THR A 227 3.20 3.09 -44.18
N LYS A 228 3.06 3.58 -42.95
CA LYS A 228 2.94 5.02 -42.70
C LYS A 228 3.38 5.32 -41.28
N ASP A 229 3.91 6.52 -41.09
CA ASP A 229 4.37 6.98 -39.78
C ASP A 229 3.16 7.53 -39.00
N THR A 230 2.71 6.79 -38.00
CA THR A 230 1.57 7.18 -37.18
C THR A 230 2.02 7.33 -35.73
N GLU A 231 1.53 8.38 -35.08
CA GLU A 231 1.88 8.62 -33.68
C GLU A 231 1.01 7.75 -32.78
N SER A 232 1.63 7.10 -31.80
CA SER A 232 0.95 6.18 -30.91
C SER A 232 1.24 6.53 -29.45
N ARG A 233 0.28 6.21 -28.59
CA ARG A 233 0.45 6.39 -27.16
C ARG A 233 1.35 5.30 -26.61
N TYR A 234 2.43 5.68 -25.94
CA TYR A 234 3.47 4.75 -25.52
C TYR A 234 3.72 4.85 -24.01
N TYR A 235 3.96 3.70 -23.38
CA TYR A 235 4.23 3.63 -21.95
C TYR A 235 5.59 3.00 -21.71
N PRO A 236 6.61 3.76 -21.33
CA PRO A 236 7.96 3.17 -21.19
C PRO A 236 8.07 2.13 -20.09
N LEU A 237 7.31 2.26 -19.00
CA LEU A 237 7.41 1.33 -17.89
C LEU A 237 6.57 0.07 -18.09
N GLY A 238 5.71 0.03 -19.11
CA GLY A 238 5.02 -1.20 -19.44
C GLY A 238 4.16 -1.72 -18.29
N GLU A 239 4.37 -2.98 -17.94
CA GLU A 239 3.54 -3.62 -16.93
C GLU A 239 3.79 -3.08 -15.53
N ALA A 240 4.97 -2.49 -15.29
CA ALA A 240 5.32 -1.98 -13.95
C ALA A 240 4.36 -0.92 -13.44
N ALA A 241 3.66 -0.20 -14.32
CA ALA A 241 2.77 0.87 -13.90
C ALA A 241 1.47 0.81 -14.67
N ALA A 242 1.01 -0.39 -15.03
CA ALA A 242 -0.14 -0.53 -15.90
C ALA A 242 -1.44 -0.17 -15.19
N GLN A 243 -1.62 -0.66 -13.96
CA GLN A 243 -2.84 -0.36 -13.23
C GLN A 243 -2.95 1.11 -12.88
N LEU A 244 -1.82 1.75 -12.55
CA LEU A 244 -1.85 3.17 -12.20
C LEU A 244 -2.06 4.05 -13.42
N ILE A 245 -1.24 3.88 -14.45
CA ILE A 245 -1.32 4.75 -15.62
C ILE A 245 -2.56 4.45 -16.45
N GLY A 246 -2.86 3.17 -16.66
CA GLY A 246 -3.96 2.78 -17.51
C GLY A 246 -3.56 2.74 -18.97
N TYR A 247 -4.57 2.78 -19.83
CA TYR A 247 -4.35 2.76 -21.28
C TYR A 247 -5.43 3.59 -21.96
N THR A 248 -5.22 3.86 -23.24
CA THR A 248 -6.14 4.66 -24.05
C THR A 248 -6.92 3.77 -25.00
N GLY A 249 -7.87 4.39 -25.68
CA GLY A 249 -8.69 3.70 -26.67
C GLY A 249 -9.47 4.71 -27.47
N THR A 250 -10.09 4.23 -28.54
CA THR A 250 -10.88 5.09 -29.39
C THR A 250 -12.17 5.50 -28.69
N ILE A 251 -12.64 6.70 -29.02
CA ILE A 251 -13.91 7.20 -28.47
C ILE A 251 -15.03 6.36 -29.06
N THR A 252 -15.67 5.55 -28.21
CA THR A 252 -16.76 4.70 -28.66
C THR A 252 -18.05 5.51 -28.77
N ALA A 253 -19.13 4.82 -29.15
CA ALA A 253 -20.43 5.49 -29.27
C ALA A 253 -20.92 5.97 -27.90
N GLU A 254 -20.79 5.13 -26.86
CA GLU A 254 -21.25 5.52 -25.54
C GLU A 254 -20.33 6.52 -24.86
N ASP A 255 -19.11 6.72 -25.37
CA ASP A 255 -18.21 7.71 -24.79
C ASP A 255 -18.68 9.12 -25.11
N ILE A 256 -18.84 9.43 -26.40
CA ILE A 256 -19.33 10.74 -26.79
C ILE A 256 -20.80 10.92 -26.42
N GLU A 257 -21.53 9.83 -26.19
CA GLU A 257 -22.92 9.88 -25.76
C GLU A 257 -23.08 10.40 -24.33
N LYS A 258 -22.00 10.78 -23.66
CA LYS A 258 -22.07 11.36 -22.33
C LYS A 258 -21.63 12.82 -22.35
N ASN A 259 -20.34 13.08 -22.47
CA ASN A 259 -19.82 14.44 -22.44
C ASN A 259 -19.27 14.84 -23.80
N PRO A 260 -19.93 15.75 -24.54
CA PRO A 260 -19.43 16.24 -25.83
C PRO A 260 -18.56 17.49 -25.71
N GLY A 266 -9.17 11.39 -31.11
CA GLY A 266 -9.32 10.03 -31.58
C GLY A 266 -9.11 8.99 -30.50
N VAL A 267 -8.39 9.34 -29.44
CA VAL A 267 -8.12 8.44 -28.33
C VAL A 267 -8.68 9.04 -27.05
N ILE A 268 -9.04 8.17 -26.12
CA ILE A 268 -9.62 8.57 -24.84
C ILE A 268 -9.12 7.63 -23.75
N GLY A 269 -8.96 8.18 -22.55
CA GLY A 269 -8.52 7.39 -21.41
C GLY A 269 -9.61 6.42 -20.98
N LYS A 270 -9.30 5.12 -21.03
CA LYS A 270 -10.26 4.08 -20.64
C LYS A 270 -10.16 3.67 -19.18
N THR A 271 -8.99 3.79 -18.56
CA THR A 271 -8.80 3.38 -17.18
C THR A 271 -7.56 4.07 -16.63
N GLY A 272 -7.40 3.99 -15.30
CA GLY A 272 -6.23 4.54 -14.65
C GLY A 272 -6.18 6.05 -14.68
N LEU A 273 -4.98 6.59 -14.44
CA LEU A 273 -4.79 8.04 -14.52
C LEU A 273 -4.99 8.57 -15.93
N GLU A 274 -4.86 7.71 -16.94
CA GLU A 274 -5.13 8.13 -18.32
C GLU A 274 -6.60 8.51 -18.49
N ARG A 275 -7.48 7.91 -17.70
CA ARG A 275 -8.90 8.24 -17.68
C ARG A 275 -9.21 9.36 -16.70
N ALA A 276 -8.62 9.32 -15.50
CA ALA A 276 -8.91 10.32 -14.48
C ALA A 276 -8.38 11.70 -14.84
N PHE A 277 -7.33 11.76 -15.66
CA PHE A 277 -6.72 13.03 -16.04
C PHE A 277 -7.03 13.40 -17.49
N ASP A 278 -8.13 12.86 -18.05
CA ASP A 278 -8.37 13.02 -19.48
C ASP A 278 -8.58 14.49 -19.86
N LYS A 279 -9.35 15.23 -19.05
CA LYS A 279 -9.67 16.61 -19.40
C LYS A 279 -8.42 17.48 -19.50
N GLU A 280 -7.39 17.19 -18.71
CA GLU A 280 -6.16 17.97 -18.78
C GLU A 280 -5.23 17.51 -19.89
N LEU A 281 -5.25 16.21 -20.20
CA LEU A 281 -4.36 15.66 -21.22
C LEU A 281 -4.94 15.73 -22.62
N ARG A 282 -6.26 15.85 -22.76
CA ARG A 282 -6.86 15.79 -24.09
C ARG A 282 -6.64 17.10 -24.85
N GLY A 283 -6.82 18.23 -24.18
CA GLY A 283 -6.67 19.51 -24.86
C GLY A 283 -7.89 19.83 -25.70
N GLN A 284 -7.64 20.40 -26.88
CA GLN A 284 -8.69 20.76 -27.81
C GLN A 284 -8.13 20.66 -29.22
N ASP A 285 -8.88 21.16 -30.20
CA ASP A 285 -8.45 21.11 -31.58
C ASP A 285 -9.10 22.24 -32.38
N LYS A 308 -5.57 22.96 -29.15
CA LYS A 308 -4.57 23.12 -28.10
C LYS A 308 -4.05 21.77 -27.63
N ASP A 309 -2.74 21.61 -27.62
CA ASP A 309 -2.12 20.37 -27.14
C ASP A 309 -2.38 20.20 -25.65
N GLY A 310 -2.52 18.94 -25.24
CA GLY A 310 -2.76 18.65 -23.84
C GLY A 310 -1.55 19.01 -22.98
N GLN A 311 -1.83 19.39 -21.74
CA GLN A 311 -0.77 19.76 -20.83
C GLN A 311 -0.09 18.52 -20.25
N THR A 312 1.13 18.71 -19.79
CA THR A 312 1.88 17.61 -19.19
C THR A 312 1.63 17.60 -17.69
N ILE A 313 1.27 16.43 -17.18
CA ILE A 313 1.01 16.23 -15.76
C ILE A 313 2.18 15.47 -15.17
N LYS A 314 2.86 16.08 -14.22
CA LYS A 314 4.01 15.49 -13.56
C LYS A 314 3.58 14.87 -12.23
N LEU A 315 3.93 13.61 -12.03
CA LEU A 315 3.52 12.87 -10.86
C LEU A 315 4.64 12.86 -9.82
N THR A 316 4.36 12.23 -8.68
CA THR A 316 5.35 12.02 -7.64
C THR A 316 6.11 10.71 -7.82
N ILE A 317 5.71 9.90 -8.79
CA ILE A 317 6.33 8.60 -9.01
C ILE A 317 7.80 8.78 -9.37
N ASP A 318 8.64 7.88 -8.85
CA ASP A 318 10.02 7.74 -9.29
C ASP A 318 10.10 6.45 -10.10
N SER A 319 10.44 6.56 -11.38
CA SER A 319 10.44 5.39 -12.26
C SER A 319 11.38 4.30 -11.75
N GLY A 320 12.53 4.68 -11.21
CA GLY A 320 13.44 3.68 -10.67
C GLY A 320 12.80 2.85 -9.56
N VAL A 321 12.10 3.51 -8.64
CA VAL A 321 11.47 2.80 -7.54
C VAL A 321 10.26 2.01 -8.01
N GLN A 322 9.54 2.53 -9.00
CA GLN A 322 8.38 1.82 -9.53
C GLN A 322 8.79 0.48 -10.14
N GLN A 323 9.86 0.46 -10.95
CA GLN A 323 10.28 -0.78 -11.59
C GLN A 323 10.93 -1.74 -10.61
N GLN A 324 11.48 -1.24 -9.50
CA GLN A 324 12.00 -2.13 -8.47
C GLN A 324 10.88 -2.85 -7.76
N ALA A 325 9.85 -2.11 -7.35
CA ALA A 325 8.75 -2.69 -6.58
C ALA A 325 7.98 -3.73 -7.38
N PHE A 326 7.90 -3.56 -8.71
CA PHE A 326 7.18 -4.53 -9.53
C PHE A 326 8.03 -5.76 -9.81
N ALA A 327 9.36 -5.62 -9.84
CA ALA A 327 10.22 -6.73 -10.23
C ALA A 327 10.29 -7.80 -9.16
N ILE A 328 10.12 -7.44 -7.88
CA ILE A 328 10.30 -8.41 -6.81
C ILE A 328 9.18 -9.44 -6.77
N PHE A 329 8.01 -9.13 -7.34
CA PHE A 329 6.89 -10.06 -7.25
C PHE A 329 7.06 -11.23 -8.20
N ASP A 330 7.35 -10.94 -9.48
CA ASP A 330 7.50 -11.96 -10.51
C ASP A 330 6.26 -12.86 -10.57
N LYS A 331 5.19 -12.27 -11.11
CA LYS A 331 3.90 -12.91 -11.33
C LYS A 331 3.16 -13.26 -10.03
N ARG A 332 3.76 -13.01 -8.87
CA ARG A 332 3.07 -13.27 -7.61
C ARG A 332 1.97 -12.22 -7.40
N PRO A 333 0.79 -12.64 -6.96
CA PRO A 333 -0.26 -11.66 -6.64
C PRO A 333 0.11 -10.84 -5.41
N GLY A 334 -0.01 -9.54 -5.52
CA GLY A 334 0.32 -8.66 -4.42
C GLY A 334 0.41 -7.22 -4.87
N SER A 335 0.71 -6.35 -3.91
CA SER A 335 0.81 -4.93 -4.15
C SER A 335 1.95 -4.36 -3.33
N ALA A 336 2.37 -3.14 -3.70
CA ALA A 336 3.42 -2.44 -2.97
C ALA A 336 3.25 -0.95 -3.23
N VAL A 337 3.31 -0.17 -2.14
CA VAL A 337 3.30 1.29 -2.22
C VAL A 337 4.51 1.81 -1.45
N ILE A 338 5.18 2.81 -2.03
CA ILE A 338 6.34 3.43 -1.41
C ILE A 338 6.10 4.94 -1.41
N THR A 339 6.16 5.55 -0.23
CA THR A 339 5.82 6.95 -0.05
C THR A 339 7.01 7.74 0.45
N ASP A 340 6.83 9.06 0.52
CA ASP A 340 7.69 9.94 1.28
C ASP A 340 6.93 10.29 2.55
N PRO A 341 7.21 9.65 3.69
CA PRO A 341 6.32 9.78 4.84
C PRO A 341 6.21 11.19 5.41
N GLN A 342 7.08 12.10 5.00
CA GLN A 342 7.02 13.48 5.49
C GLN A 342 6.39 14.44 4.50
N LYS A 343 6.29 14.06 3.22
CA LYS A 343 5.65 14.88 2.21
C LYS A 343 4.38 14.26 1.61
N GLY A 344 4.21 12.94 1.71
CA GLY A 344 3.07 12.27 1.12
C GLY A 344 3.25 11.86 -0.32
N ASP A 345 4.43 12.07 -0.90
CA ASP A 345 4.68 11.75 -2.30
C ASP A 345 4.66 10.23 -2.49
N LEU A 346 3.78 9.76 -3.38
CA LEU A 346 3.74 8.34 -3.71
C LEU A 346 4.87 8.06 -4.69
N LEU A 347 5.94 7.43 -4.21
CA LEU A 347 7.07 7.15 -5.08
C LEU A 347 6.79 5.99 -6.00
N ALA A 348 5.92 5.06 -5.59
CA ALA A 348 5.59 3.91 -6.41
C ALA A 348 4.28 3.30 -5.91
N THR A 349 3.42 2.92 -6.86
CA THR A 349 2.18 2.19 -6.57
C THR A 349 2.13 1.01 -7.54
N VAL A 350 2.37 -0.19 -7.02
CA VAL A 350 2.59 -1.38 -7.81
C VAL A 350 1.51 -2.41 -7.50
N SER A 351 0.95 -3.02 -8.55
CA SER A 351 0.01 -4.12 -8.42
C SER A 351 0.45 -5.26 -9.32
N SER A 352 0.45 -6.47 -8.78
CA SER A 352 0.89 -7.66 -9.50
C SER A 352 -0.13 -8.78 -9.31
N PRO A 353 -0.40 -9.57 -10.36
CA PRO A 353 0.19 -9.49 -11.71
C PRO A 353 -0.32 -8.30 -12.50
N SER A 354 0.25 -8.07 -13.68
CA SER A 354 -0.09 -6.89 -14.47
C SER A 354 -0.37 -7.27 -15.92
N TYR A 355 -0.49 -6.26 -16.79
CA TYR A 355 -0.77 -6.46 -18.20
C TYR A 355 0.09 -5.49 -19.00
N ASP A 356 0.03 -5.64 -20.33
CA ASP A 356 0.76 -4.76 -21.23
C ASP A 356 -0.14 -3.58 -21.58
N PRO A 357 0.12 -2.37 -21.05
CA PRO A 357 -0.72 -1.23 -21.43
C PRO A 357 -0.47 -0.74 -22.84
N ASN A 358 0.71 -1.00 -23.40
CA ASN A 358 0.97 -0.61 -24.78
C ASN A 358 0.17 -1.47 -25.76
N LYS A 359 -0.01 -2.75 -25.45
CA LYS A 359 -0.82 -3.60 -26.31
C LYS A 359 -2.31 -3.27 -26.19
N MET A 360 -2.77 -2.94 -24.98
CA MET A 360 -4.18 -2.66 -24.76
C MET A 360 -4.60 -1.36 -25.45
N ALA A 361 -3.71 -0.38 -25.52
CA ALA A 361 -4.01 0.93 -26.10
C ALA A 361 -3.85 0.95 -27.62
N ASN A 362 -2.90 0.20 -28.17
CA ASN A 362 -2.61 0.22 -29.60
C ASN A 362 -2.96 -1.09 -30.27
N GLY A 363 -4.05 -1.73 -29.84
CA GLY A 363 -4.53 -2.93 -30.48
C GLY A 363 -3.96 -4.21 -29.92
N ILE A 364 -4.74 -4.88 -29.07
CA ILE A 364 -4.37 -6.18 -28.52
C ILE A 364 -5.30 -7.22 -29.12
N SER A 365 -4.78 -8.43 -29.33
CA SER A 365 -5.58 -9.49 -29.91
C SER A 365 -6.52 -10.07 -28.87
N GLN A 366 -7.56 -10.75 -29.35
CA GLN A 366 -8.49 -11.44 -28.46
C GLN A 366 -7.88 -12.65 -27.78
N LYS A 367 -6.65 -13.03 -28.15
CA LYS A 367 -5.94 -14.12 -27.50
C LYS A 367 -5.22 -13.68 -26.24
N GLU A 368 -4.66 -12.46 -26.24
CA GLU A 368 -4.02 -11.92 -25.05
C GLU A 368 -5.00 -11.25 -24.11
N TYR A 369 -6.07 -10.64 -24.64
CA TYR A 369 -7.12 -10.09 -23.79
C TYR A 369 -7.77 -11.20 -22.97
N ASP A 370 -8.22 -12.27 -23.64
CA ASP A 370 -8.84 -13.39 -22.93
C ASP A 370 -7.84 -14.06 -21.99
N ALA A 371 -6.55 -14.01 -22.31
CA ALA A 371 -5.55 -14.53 -21.39
C ALA A 371 -5.49 -13.70 -20.11
N TYR A 372 -5.74 -12.40 -20.20
CA TYR A 372 -5.77 -11.54 -19.03
C TYR A 372 -7.07 -11.71 -18.25
N ASN A 373 -8.20 -11.88 -18.95
CA ASN A 373 -9.48 -12.03 -18.26
C ASN A 373 -9.56 -13.38 -17.56
N ASN A 374 -9.03 -14.44 -18.17
CA ASN A 374 -9.08 -15.77 -17.58
C ASN A 374 -8.04 -15.98 -16.49
N ASN A 375 -7.20 -14.99 -16.21
CA ASN A 375 -6.24 -15.09 -15.13
C ASN A 375 -6.96 -14.97 -13.79
N LYS A 376 -6.91 -16.04 -12.99
CA LYS A 376 -7.61 -16.04 -11.71
C LYS A 376 -7.05 -15.02 -10.73
N ASP A 377 -5.81 -14.57 -10.95
CA ASP A 377 -5.22 -13.54 -10.11
C ASP A 377 -5.65 -12.13 -10.50
N LEU A 378 -6.32 -11.97 -11.65
CA LEU A 378 -6.90 -10.71 -12.10
C LEU A 378 -5.84 -9.62 -12.21
N PRO A 379 -5.16 -9.54 -13.36
CA PRO A 379 -4.09 -8.53 -13.50
C PRO A 379 -4.60 -7.11 -13.68
N PHE A 380 -5.86 -6.91 -14.06
CA PHE A 380 -6.36 -5.57 -14.30
C PHE A 380 -6.65 -4.81 -13.01
N THR A 381 -6.93 -5.51 -11.91
CA THR A 381 -7.29 -4.82 -10.68
C THR A 381 -6.09 -4.09 -10.09
N ALA A 382 -6.35 -2.90 -9.55
CA ALA A 382 -5.33 -2.11 -8.87
C ALA A 382 -5.35 -2.49 -7.40
N ARG A 383 -4.48 -3.42 -7.01
CA ARG A 383 -4.49 -3.94 -5.66
C ARG A 383 -4.07 -2.91 -4.63
N PHE A 384 -3.32 -1.88 -5.02
CA PHE A 384 -2.96 -0.82 -4.09
C PHE A 384 -4.16 0.01 -3.67
N ALA A 385 -5.28 -0.06 -4.39
CA ALA A 385 -6.50 0.64 -4.03
C ALA A 385 -7.60 -0.29 -3.55
N THR A 386 -7.27 -1.55 -3.26
CA THR A 386 -8.24 -2.54 -2.79
C THR A 386 -8.11 -2.70 -1.28
N GLY A 387 -9.24 -2.78 -0.61
CA GLY A 387 -9.24 -2.92 0.84
C GLY A 387 -9.01 -4.37 1.26
N TYR A 388 -8.07 -4.55 2.18
CA TYR A 388 -7.77 -5.85 2.77
C TYR A 388 -7.66 -5.68 4.28
N ALA A 389 -7.67 -6.80 4.99
CA ALA A 389 -7.38 -6.76 6.42
C ALA A 389 -5.90 -6.45 6.61
N PRO A 390 -5.56 -5.51 7.49
CA PRO A 390 -4.15 -5.06 7.58
C PRO A 390 -3.21 -6.09 8.18
N GLY A 391 -3.70 -7.01 8.99
CA GLY A 391 -2.83 -7.98 9.62
C GLY A 391 -2.16 -7.42 10.88
N SER A 392 -1.12 -8.13 11.31
CA SER A 392 -0.48 -7.78 12.58
C SER A 392 0.26 -6.46 12.53
N THR A 393 0.52 -5.91 11.34
CA THR A 393 1.13 -4.60 11.27
C THR A 393 0.27 -3.54 11.92
N PHE A 394 -1.03 -3.82 12.11
CA PHE A 394 -1.92 -2.90 12.79
C PHE A 394 -1.63 -2.81 14.28
N LYS A 395 -0.82 -3.71 14.85
CA LYS A 395 -0.46 -3.61 16.25
C LYS A 395 0.30 -2.32 16.54
N THR A 396 0.98 -1.77 15.53
CA THR A 396 1.69 -0.51 15.71
C THR A 396 0.74 0.61 16.10
N ILE A 397 -0.45 0.61 15.49
CA ILE A 397 -1.45 1.61 15.86
C ILE A 397 -2.08 1.27 17.21
N THR A 398 -2.45 -0.01 17.40
CA THR A 398 -3.02 -0.44 18.67
C THR A 398 -2.08 -0.13 19.84
N GLY A 399 -0.79 -0.41 19.66
CA GLY A 399 0.15 -0.11 20.74
C GLY A 399 0.31 1.37 20.99
N ALA A 400 0.28 2.18 19.91
CA ALA A 400 0.42 3.62 20.08
C ALA A 400 -0.81 4.24 20.74
N ILE A 401 -1.99 3.70 20.43
CA ILE A 401 -3.20 4.17 21.09
C ILE A 401 -3.18 3.81 22.57
N GLY A 402 -2.67 2.61 22.89
CA GLY A 402 -2.57 2.21 24.29
C GLY A 402 -1.59 3.04 25.08
N LEU A 403 -0.56 3.59 24.42
CA LEU A 403 0.42 4.42 25.09
C LEU A 403 -0.18 5.77 25.48
N ASP A 404 -0.90 6.41 24.56
CA ASP A 404 -1.49 7.71 24.85
C ASP A 404 -2.66 7.58 25.81
N ALA A 405 -3.35 6.44 25.80
CA ALA A 405 -4.47 6.22 26.72
C ALA A 405 -4.02 6.08 28.16
N GLY A 406 -2.78 5.67 28.39
CA GLY A 406 -2.27 5.45 29.73
C GLY A 406 -2.41 4.03 30.23
N THR A 407 -3.14 3.18 29.52
CA THR A 407 -3.34 1.81 29.99
C THR A 407 -2.16 0.91 29.66
N LEU A 408 -1.40 1.22 28.62
CA LEU A 408 -0.30 0.38 28.16
C LEU A 408 1.02 1.02 28.61
N LYS A 409 1.65 0.41 29.60
CA LYS A 409 2.98 0.90 29.98
C LYS A 409 4.04 0.15 29.19
N PRO A 410 4.94 0.84 28.50
CA PRO A 410 5.86 0.12 27.60
C PRO A 410 6.86 -0.77 28.32
N ASP A 411 7.18 -0.47 29.58
CA ASP A 411 8.21 -1.22 30.29
C ASP A 411 7.65 -2.21 31.31
N GLU A 412 6.34 -2.23 31.55
CA GLU A 412 5.80 -3.20 32.48
C GLU A 412 5.81 -4.59 31.84
N GLU A 413 6.13 -5.60 32.64
CA GLU A 413 6.33 -6.96 32.16
C GLU A 413 5.07 -7.77 32.45
N LEU A 414 4.34 -8.13 31.39
CA LEU A 414 3.11 -8.90 31.51
C LEU A 414 3.45 -10.39 31.44
N GLU A 415 2.85 -11.17 32.35
CA GLU A 415 3.06 -12.62 32.37
C GLU A 415 2.08 -13.29 31.42
N ILE A 416 2.61 -13.91 30.36
CA ILE A 416 1.82 -14.61 29.37
C ILE A 416 2.35 -16.03 29.26
N ASN A 417 1.48 -17.02 29.48
CA ASN A 417 1.86 -18.43 29.48
C ASN A 417 1.03 -19.18 28.46
N GLY A 418 1.69 -20.03 27.67
CA GLY A 418 1.02 -20.85 26.70
C GLY A 418 0.87 -20.16 25.35
N LEU A 419 0.32 -20.92 24.40
CA LEU A 419 0.11 -20.46 23.04
C LEU A 419 -1.32 -20.01 22.77
N LYS A 420 -2.19 -20.06 23.79
CA LYS A 420 -3.58 -19.70 23.63
C LYS A 420 -4.03 -18.99 24.90
N TRP A 421 -5.01 -18.09 24.74
CA TRP A 421 -5.48 -17.30 25.87
C TRP A 421 -6.88 -16.77 25.56
N GLN A 422 -7.71 -16.68 26.59
CA GLN A 422 -9.04 -16.08 26.50
C GLN A 422 -9.31 -15.30 27.76
N LYS A 423 -10.28 -14.37 27.67
CA LYS A 423 -10.62 -13.54 28.83
C LYS A 423 -11.17 -14.39 29.97
N ASP A 424 -12.26 -15.10 29.72
CA ASP A 424 -12.83 -16.03 30.69
C ASP A 424 -13.60 -17.10 29.92
N LYS A 425 -14.51 -17.78 30.61
CA LYS A 425 -15.23 -18.89 30.00
C LYS A 425 -16.21 -18.44 28.92
N SER A 426 -16.56 -17.14 28.89
CA SER A 426 -17.55 -16.66 27.94
C SER A 426 -17.06 -16.72 26.49
N TRP A 427 -15.75 -16.82 26.28
CA TRP A 427 -15.22 -16.91 24.91
C TRP A 427 -15.40 -18.30 24.31
N GLY A 428 -15.60 -19.32 25.13
CA GLY A 428 -15.86 -20.66 24.64
C GLY A 428 -14.70 -21.32 23.91
N GLY A 429 -14.89 -21.61 22.64
CA GLY A 429 -13.88 -22.28 21.85
C GLY A 429 -13.02 -21.34 21.03
N TYR A 430 -12.88 -20.10 21.50
CA TYR A 430 -12.01 -19.12 20.86
C TYR A 430 -10.87 -18.73 21.79
N PHE A 431 -9.68 -18.60 21.22
CA PHE A 431 -8.49 -18.22 21.96
C PHE A 431 -7.64 -17.29 21.10
N ALA A 432 -6.94 -16.37 21.77
CA ALA A 432 -5.93 -15.55 21.10
C ALA A 432 -4.63 -16.35 21.06
N THR A 433 -4.20 -16.71 19.86
CA THR A 433 -3.03 -17.57 19.68
C THR A 433 -1.81 -16.74 19.32
N ARG A 434 -0.64 -17.23 19.71
CA ARG A 434 0.64 -16.61 19.39
C ARG A 434 1.61 -17.69 18.92
N VAL A 435 2.80 -17.26 18.53
CA VAL A 435 3.81 -18.16 17.95
C VAL A 435 4.94 -18.39 18.93
N LYS A 436 5.80 -17.39 19.12
CA LYS A 436 6.95 -17.53 19.99
C LYS A 436 6.53 -17.37 21.44
N GLU A 437 6.95 -18.32 22.29
CA GLU A 437 6.65 -18.29 23.71
C GLU A 437 7.63 -17.39 24.42
N ALA A 438 7.12 -16.35 25.07
CA ALA A 438 7.93 -15.43 25.86
C ALA A 438 7.48 -15.50 27.31
N SER A 439 8.35 -15.03 28.20
CA SER A 439 8.12 -15.27 29.62
C SER A 439 7.46 -14.07 30.29
N PRO A 440 8.14 -12.89 30.45
CA PRO A 440 7.35 -11.66 30.54
C PRO A 440 7.48 -10.83 29.27
N VAL A 441 6.36 -10.40 28.71
CA VAL A 441 6.32 -9.69 27.43
C VAL A 441 6.04 -8.22 27.71
N ASN A 442 6.94 -7.36 27.29
CA ASN A 442 6.70 -5.92 27.32
C ASN A 442 6.35 -5.45 25.91
N LEU A 443 6.33 -4.13 25.71
CA LEU A 443 5.92 -3.58 24.43
C LEU A 443 6.89 -3.98 23.32
N ARG A 444 8.20 -3.79 23.56
CA ARG A 444 9.18 -4.06 22.52
C ARG A 444 9.23 -5.54 22.17
N THR A 445 9.13 -6.41 23.16
CA THR A 445 9.20 -7.85 22.90
C THR A 445 7.97 -8.33 22.12
N ALA A 446 6.80 -7.77 22.42
CA ALA A 446 5.57 -8.23 21.78
C ALA A 446 5.55 -7.87 20.30
N LEU A 447 6.09 -6.70 19.94
CA LEU A 447 6.14 -6.32 18.53
C LEU A 447 7.11 -7.21 17.76
N VAL A 448 8.24 -7.59 18.38
CA VAL A 448 9.21 -8.41 17.68
C VAL A 448 8.77 -9.87 17.65
N ASN A 449 8.14 -10.34 18.72
CA ASN A 449 7.70 -11.74 18.80
C ASN A 449 6.38 -12.00 18.09
N SER A 450 5.71 -10.95 17.60
CA SER A 450 4.39 -11.06 16.97
C SER A 450 3.40 -11.73 17.90
N ASP A 451 3.31 -11.20 19.13
CA ASP A 451 2.48 -11.78 20.19
C ASP A 451 1.07 -11.18 20.10
N ASN A 452 0.11 -12.00 19.69
CA ASN A 452 -1.28 -11.54 19.68
C ASN A 452 -1.85 -11.39 21.09
N ILE A 453 -1.40 -12.25 22.03
CA ILE A 453 -2.00 -12.25 23.35
C ILE A 453 -1.71 -10.95 24.08
N TYR A 454 -0.48 -10.42 23.95
CA TYR A 454 -0.13 -9.16 24.60
C TYR A 454 -1.06 -8.04 24.14
N PHE A 455 -1.18 -7.84 22.82
CA PHE A 455 -2.01 -6.76 22.32
C PHE A 455 -3.49 -7.04 22.57
N ALA A 456 -3.89 -8.31 22.60
CA ALA A 456 -5.27 -8.62 22.97
C ALA A 456 -5.56 -8.21 24.40
N GLN A 457 -4.67 -8.58 25.33
CA GLN A 457 -4.86 -8.19 26.73
C GLN A 457 -4.79 -6.68 26.89
N GLN A 458 -3.91 -6.02 26.14
CA GLN A 458 -3.84 -4.57 26.20
C GLN A 458 -5.05 -3.91 25.56
N THR A 459 -5.69 -4.57 24.59
CA THR A 459 -6.91 -4.04 24.00
C THR A 459 -8.09 -4.20 24.94
N LEU A 460 -8.22 -5.37 25.57
CA LEU A 460 -9.28 -5.56 26.57
C LEU A 460 -9.07 -4.66 27.78
N ARG A 461 -7.80 -4.41 28.15
CA ARG A 461 -7.52 -3.48 29.24
C ARG A 461 -7.89 -2.05 28.85
N MET A 462 -7.74 -1.72 27.57
CA MET A 462 -8.04 -0.36 27.11
C MET A 462 -9.55 -0.10 27.11
N GLY A 463 -10.34 -1.10 26.78
CA GLY A 463 -11.78 -0.94 26.65
C GLY A 463 -12.17 -0.47 25.25
N GLU A 464 -13.42 -0.77 24.89
CA GLU A 464 -13.92 -0.40 23.57
C GLU A 464 -13.87 1.10 23.35
N ASP A 465 -14.05 1.90 24.40
CA ASP A 465 -14.12 3.34 24.18
C ASP A 465 -12.75 3.96 23.98
N LYS A 466 -11.78 3.57 24.82
CA LYS A 466 -10.44 4.15 24.64
C LYS A 466 -9.82 3.67 23.34
N PHE A 467 -10.13 2.45 22.92
CA PHE A 467 -9.60 1.93 21.66
C PHE A 467 -10.23 2.64 20.47
N ARG A 468 -11.56 2.81 20.48
CA ARG A 468 -12.22 3.51 19.39
C ARG A 468 -11.91 5.00 19.39
N ALA A 469 -11.65 5.58 20.57
CA ALA A 469 -11.28 7.00 20.62
C ALA A 469 -9.97 7.25 19.88
N GLY A 470 -9.02 6.32 19.99
CA GLY A 470 -7.76 6.43 19.29
C GLY A 470 -7.86 6.12 17.80
N LEU A 471 -8.64 5.09 17.46
CA LEU A 471 -8.80 4.71 16.05
C LEU A 471 -9.49 5.82 15.25
N ASN A 472 -10.47 6.50 15.86
CA ASN A 472 -11.24 7.49 15.13
C ASN A 472 -10.43 8.71 14.75
N LYS A 473 -9.26 8.91 15.36
CA LYS A 473 -8.40 10.01 14.95
C LYS A 473 -7.73 9.75 13.61
N PHE A 474 -7.79 8.53 13.10
CA PHE A 474 -7.19 8.20 11.82
C PHE A 474 -8.19 8.54 10.70
N ILE A 475 -7.92 8.06 9.50
CA ILE A 475 -8.69 8.47 8.33
C ILE A 475 -9.73 7.42 7.97
N PHE A 476 -10.36 6.82 8.97
CA PHE A 476 -11.40 5.84 8.70
C PHE A 476 -12.63 6.52 8.13
N GLY A 477 -13.25 5.87 7.14
CA GLY A 477 -14.42 6.41 6.49
C GLY A 477 -14.20 7.69 5.73
N GLU A 478 -12.95 8.06 5.47
CA GLU A 478 -12.59 9.35 4.89
C GLU A 478 -12.18 9.16 3.44
N GLU A 479 -12.76 9.95 2.54
CA GLU A 479 -12.39 9.93 1.12
C GLU A 479 -11.21 10.86 0.88
N LEU A 480 -10.24 10.38 0.12
CA LEU A 480 -9.03 11.14 -0.14
C LEU A 480 -9.07 11.79 -1.52
N ASP A 481 -8.32 12.88 -1.67
CA ASP A 481 -8.29 13.64 -2.90
C ASP A 481 -7.37 13.02 -3.96
N LEU A 482 -6.92 11.79 -3.77
CA LEU A 482 -6.10 11.12 -4.77
C LEU A 482 -6.92 10.85 -6.03
N PRO A 483 -6.29 10.91 -7.21
CA PRO A 483 -6.99 10.58 -8.45
C PRO A 483 -7.11 9.09 -8.69
N ILE A 484 -7.22 8.33 -7.61
CA ILE A 484 -7.39 6.87 -7.66
C ILE A 484 -8.68 6.53 -6.93
N ALA A 485 -9.59 5.84 -7.62
CA ALA A 485 -10.83 5.41 -6.98
C ALA A 485 -10.51 4.42 -5.86
N MET A 486 -11.10 4.64 -4.70
CA MET A 486 -10.70 3.89 -3.51
C MET A 486 -11.79 4.00 -2.45
N THR A 487 -12.22 2.87 -1.92
CA THR A 487 -13.21 2.87 -0.85
C THR A 487 -12.55 3.31 0.46
N PRO A 488 -13.17 4.20 1.22
CA PRO A 488 -12.56 4.63 2.49
C PRO A 488 -12.40 3.47 3.45
N ALA A 489 -11.39 3.57 4.31
CA ALA A 489 -11.11 2.52 5.27
C ALA A 489 -12.20 2.46 6.33
N GLN A 490 -12.49 1.25 6.80
CA GLN A 490 -13.50 1.05 7.83
C GLN A 490 -12.88 0.31 9.02
N ILE A 491 -13.54 0.46 10.17
CA ILE A 491 -13.14 -0.28 11.37
C ILE A 491 -13.98 -1.54 11.54
N SER A 492 -15.30 -1.40 11.47
CA SER A 492 -16.21 -2.53 11.58
C SER A 492 -17.47 -2.21 10.79
N ASN A 493 -18.37 -3.21 10.72
CA ASN A 493 -19.61 -3.02 9.97
C ASN A 493 -20.59 -2.12 10.72
N GLU A 494 -20.51 -2.08 12.05
CA GLU A 494 -21.39 -1.27 12.86
C GLU A 494 -20.58 -0.26 13.67
N ASP A 495 -21.28 0.70 14.26
CA ASP A 495 -20.62 1.72 15.08
C ASP A 495 -20.07 1.14 16.37
N LYS A 496 -20.52 -0.03 16.79
CA LYS A 496 -20.03 -0.72 17.97
C LYS A 496 -19.50 -2.09 17.57
N PHE A 497 -18.63 -2.65 18.43
CA PHE A 497 -18.10 -3.97 18.16
C PHE A 497 -19.11 -5.08 18.44
N ASN A 498 -20.02 -4.84 19.39
CA ASN A 498 -21.10 -5.78 19.73
C ASN A 498 -20.59 -7.12 20.25
N SER A 499 -19.32 -7.21 20.63
CA SER A 499 -18.75 -8.45 21.12
C SER A 499 -17.48 -8.13 21.92
N GLU A 500 -16.76 -9.16 22.32
CA GLU A 500 -15.45 -9.01 22.93
C GLU A 500 -14.37 -9.82 22.24
N ILE A 501 -14.72 -10.88 21.52
CA ILE A 501 -13.74 -11.57 20.69
C ILE A 501 -13.38 -10.73 19.47
N LEU A 502 -14.32 -9.91 18.99
CA LEU A 502 -14.04 -9.02 17.88
C LEU A 502 -13.21 -7.83 18.32
N LEU A 503 -13.36 -7.40 19.56
CA LEU A 503 -12.53 -6.32 20.09
C LEU A 503 -11.07 -6.75 20.18
N ALA A 504 -10.83 -8.00 20.60
CA ALA A 504 -9.47 -8.51 20.63
C ALA A 504 -8.92 -8.72 19.23
N ASP A 505 -9.75 -9.24 18.31
CA ASP A 505 -9.33 -9.44 16.93
C ASP A 505 -8.86 -8.13 16.30
N THR A 506 -9.67 -7.09 16.42
CA THR A 506 -9.27 -5.77 15.92
C THR A 506 -8.01 -5.27 16.61
N GLY A 507 -7.74 -5.74 17.83
CA GLY A 507 -6.53 -5.32 18.52
C GLY A 507 -5.26 -5.69 17.77
N TYR A 508 -5.24 -6.88 17.18
CA TYR A 508 -4.08 -7.35 16.44
C TYR A 508 -4.37 -7.50 14.94
N GLY A 509 -5.20 -6.60 14.41
CA GLY A 509 -5.37 -6.47 12.97
C GLY A 509 -6.42 -7.36 12.34
N GLN A 510 -7.18 -8.11 13.14
CA GLN A 510 -8.23 -8.96 12.58
C GLN A 510 -9.57 -8.24 12.64
N GLY A 511 -10.62 -8.94 13.06
CA GLY A 511 -11.94 -8.31 13.10
C GLY A 511 -12.47 -8.04 11.72
N GLN A 512 -13.06 -6.86 11.55
CA GLN A 512 -13.65 -6.44 10.28
C GLN A 512 -12.93 -5.24 9.69
N LEU A 513 -11.64 -5.09 10.00
CA LEU A 513 -10.84 -4.02 9.42
C LEU A 513 -10.66 -4.24 7.93
N LEU A 514 -10.83 -3.18 7.15
CA LEU A 514 -10.57 -3.21 5.71
C LEU A 514 -9.86 -1.90 5.35
N ILE A 515 -8.55 -1.98 5.17
CA ILE A 515 -7.73 -0.84 4.81
C ILE A 515 -6.95 -1.18 3.54
N SER A 516 -6.89 -0.23 2.61
CA SER A 516 -6.16 -0.43 1.37
C SER A 516 -4.68 -0.11 1.57
N PRO A 517 -3.81 -0.67 0.71
CA PRO A 517 -2.37 -0.36 0.84
C PRO A 517 -2.05 1.12 0.84
N ILE A 518 -2.76 1.92 0.02
CA ILE A 518 -2.52 3.37 0.04
C ILE A 518 -2.97 3.97 1.37
N GLN A 519 -4.11 3.51 1.89
CA GLN A 519 -4.58 4.01 3.17
C GLN A 519 -3.70 3.49 4.32
N GLN A 520 -3.15 2.29 4.19
CA GLN A 520 -2.26 1.76 5.22
C GLN A 520 -0.97 2.56 5.30
N ALA A 521 -0.39 2.92 4.15
CA ALA A 521 0.80 3.75 4.15
C ALA A 521 0.51 5.13 4.73
N THR A 522 -0.71 5.62 4.55
CA THR A 522 -1.07 6.92 5.10
C THR A 522 -1.18 6.88 6.61
N MET A 523 -1.88 5.86 7.15
CA MET A 523 -2.03 5.75 8.60
C MET A 523 -0.70 5.58 9.30
N TYR A 524 0.17 4.72 8.75
CA TYR A 524 1.45 4.41 9.40
C TYR A 524 2.47 5.53 9.26
N SER A 525 2.18 6.58 8.49
CA SER A 525 3.09 7.70 8.35
C SER A 525 3.24 8.50 9.64
N VAL A 526 2.44 8.20 10.67
CA VAL A 526 2.48 8.99 11.89
C VAL A 526 3.77 8.73 12.67
N PHE A 527 4.36 7.55 12.49
CA PHE A 527 5.55 7.18 13.22
C PHE A 527 6.80 7.91 12.73
N GLN A 528 6.77 8.44 11.51
CA GLN A 528 7.89 9.17 10.96
C GLN A 528 7.64 10.68 10.90
N ASN A 529 6.56 11.16 11.56
CA ASN A 529 6.28 12.58 11.63
C ASN A 529 5.91 13.01 13.04
N ASN A 530 6.45 12.33 14.05
CA ASN A 530 6.15 12.64 15.45
C ASN A 530 4.64 12.63 15.72
N GLY A 531 3.94 11.66 15.12
CA GLY A 531 2.53 11.48 15.37
C GLY A 531 1.61 12.18 14.40
N THR A 532 2.15 12.99 13.50
CA THR A 532 1.33 13.69 12.52
C THR A 532 1.13 12.80 11.30
N LEU A 533 -0.11 12.72 10.84
CA LEU A 533 -0.43 11.97 9.62
C LEU A 533 -0.32 12.90 8.42
N VAL A 534 0.33 12.42 7.35
CA VAL A 534 0.40 13.16 6.11
C VAL A 534 -0.46 12.45 5.08
N TYR A 535 -1.12 13.23 4.23
CA TYR A 535 -1.96 12.59 3.24
C TYR A 535 -1.15 12.25 1.99
N PRO A 536 -1.55 11.21 1.27
CA PRO A 536 -0.82 10.84 0.05
C PRO A 536 -1.14 11.80 -1.09
N LYS A 537 -0.10 12.17 -1.83
CA LYS A 537 -0.23 13.00 -3.02
C LYS A 537 0.39 12.28 -4.20
N LEU A 538 -0.27 12.38 -5.36
CA LEU A 538 0.21 11.76 -6.58
C LEU A 538 0.73 12.76 -7.60
N VAL A 539 0.19 13.97 -7.62
CA VAL A 539 0.70 15.05 -8.46
C VAL A 539 1.79 15.78 -7.68
N LEU A 540 2.86 16.15 -8.37
CA LEU A 540 4.03 16.70 -7.69
C LEU A 540 3.74 18.07 -7.09
N ASP A 541 3.14 18.96 -7.87
CA ASP A 541 2.98 20.35 -7.44
C ASP A 541 1.84 20.54 -6.43
N LYS A 542 1.19 19.47 -6.00
CA LYS A 542 0.11 19.59 -5.02
C LYS A 542 0.69 19.90 -3.63
N GLU A 543 -0.01 20.76 -2.89
CA GLU A 543 0.46 21.16 -1.57
C GLU A 543 0.36 19.99 -0.59
N THR A 544 1.30 19.94 0.35
CA THR A 544 1.32 18.87 1.33
C THR A 544 0.19 19.05 2.34
N LYS A 545 -0.63 18.02 2.52
CA LYS A 545 -1.74 18.04 3.46
C LYS A 545 -1.49 17.06 4.59
N LYS A 546 -1.77 17.51 5.81
CA LYS A 546 -1.51 16.72 7.01
C LYS A 546 -2.74 16.68 7.90
N LYS A 547 -2.73 15.75 8.85
CA LYS A 547 -3.70 15.69 9.94
C LYS A 547 -2.91 15.65 11.24
N ASP A 548 -2.94 16.76 11.97
CA ASP A 548 -2.02 16.95 13.10
C ASP A 548 -2.45 16.15 14.32
N ASN A 549 -1.46 15.60 15.02
CA ASN A 549 -1.64 14.99 16.34
C ASN A 549 -2.63 13.82 16.29
N VAL A 550 -2.41 12.90 15.36
CA VAL A 550 -3.21 11.67 15.35
C VAL A 550 -2.78 10.78 16.52
N ILE A 551 -1.48 10.72 16.80
CA ILE A 551 -0.95 10.12 18.02
C ILE A 551 0.10 11.06 18.58
N SER A 552 0.50 10.81 19.82
CA SER A 552 1.51 11.66 20.44
C SER A 552 2.84 11.52 19.73
N ALA A 553 3.72 12.49 19.97
CA ALA A 553 5.08 12.38 19.45
C ALA A 553 5.85 11.29 20.19
N ASN A 554 5.66 11.19 21.50
CA ASN A 554 6.31 10.13 22.26
C ASN A 554 5.80 8.75 21.87
N ALA A 555 4.51 8.63 21.54
CA ALA A 555 3.97 7.34 21.13
C ALA A 555 4.54 6.92 19.78
N ALA A 556 4.60 7.85 18.82
CA ALA A 556 5.15 7.53 17.50
C ALA A 556 6.62 7.13 17.60
N ASN A 557 7.40 7.88 18.37
CA ASN A 557 8.82 7.58 18.50
C ASN A 557 9.06 6.29 19.28
N THR A 558 8.25 6.00 20.29
CA THR A 558 8.44 4.77 21.06
C THR A 558 8.18 3.55 20.19
N ILE A 559 7.12 3.58 19.36
CA ILE A 559 6.84 2.44 18.50
C ILE A 559 7.88 2.32 17.39
N ALA A 560 8.25 3.45 16.78
CA ALA A 560 9.22 3.41 15.68
C ALA A 560 10.58 2.93 16.16
N THR A 561 10.97 3.29 17.39
CA THR A 561 12.25 2.86 17.92
C THR A 561 12.25 1.36 18.22
N ASP A 562 11.15 0.84 18.78
CA ASP A 562 11.08 -0.58 19.10
C ASP A 562 11.02 -1.43 17.84
N LEU A 563 10.47 -0.90 16.75
CA LEU A 563 10.39 -1.67 15.51
C LEU A 563 11.75 -1.88 14.85
N LEU A 564 12.79 -1.18 15.31
CA LEU A 564 14.14 -1.47 14.81
C LEU A 564 14.56 -2.90 15.10
N GLY A 565 14.00 -3.50 16.16
CA GLY A 565 14.34 -4.87 16.51
C GLY A 565 13.87 -5.90 15.52
N SER A 566 12.86 -5.58 14.70
CA SER A 566 12.42 -6.52 13.68
C SER A 566 13.51 -6.76 12.64
N VAL A 567 14.38 -5.77 12.42
CA VAL A 567 15.46 -5.88 11.46
C VAL A 567 16.79 -6.16 12.14
N GLU A 568 17.06 -5.49 13.26
CA GLU A 568 18.38 -5.52 13.89
C GLU A 568 18.58 -6.72 14.81
N ASP A 569 17.53 -7.22 15.45
CA ASP A 569 17.69 -8.39 16.32
C ASP A 569 17.84 -9.64 15.47
N PRO A 570 18.85 -10.47 15.72
CA PRO A 570 19.03 -11.68 14.90
C PRO A 570 17.86 -12.64 14.97
N SER A 571 17.08 -12.60 16.05
CA SER A 571 15.84 -13.38 16.12
C SER A 571 14.66 -12.68 15.47
N GLY A 572 14.84 -11.43 15.03
CA GLY A 572 13.75 -10.73 14.37
C GLY A 572 13.36 -11.39 13.06
N TYR A 573 12.12 -11.16 12.65
CA TYR A 573 11.59 -11.78 11.45
C TYR A 573 12.00 -11.05 10.17
N VAL A 574 12.64 -9.88 10.29
CA VAL A 574 13.15 -9.16 9.13
C VAL A 574 14.66 -8.98 9.29
N TYR A 575 15.31 -9.96 9.92
CA TYR A 575 16.75 -9.88 10.09
C TYR A 575 17.51 -10.12 8.78
N ASN A 576 16.87 -10.76 7.80
CA ASN A 576 17.50 -10.96 6.50
C ASN A 576 17.83 -9.64 5.81
N MET A 577 17.15 -8.56 6.16
CA MET A 577 17.41 -7.25 5.59
C MET A 577 18.26 -6.36 6.49
N TYR A 578 18.96 -6.95 7.46
CA TYR A 578 19.74 -6.15 8.39
C TYR A 578 20.90 -5.48 7.67
N ASN A 579 21.05 -4.18 7.89
CA ASN A 579 22.16 -3.41 7.34
C ASN A 579 22.75 -2.59 8.48
N PRO A 580 24.03 -2.80 8.84
CA PRO A 580 24.60 -2.06 9.97
C PRO A 580 24.76 -0.56 9.73
N ASN A 581 24.67 -0.10 8.49
CA ASN A 581 24.87 1.32 8.18
C ASN A 581 23.55 2.05 7.89
N PHE A 582 22.44 1.52 8.39
CA PHE A 582 21.13 2.10 8.09
C PHE A 582 20.13 1.67 9.16
N SER A 583 19.35 2.63 9.63
CA SER A 583 18.30 2.37 10.62
C SER A 583 17.00 2.11 9.89
N LEU A 584 16.50 0.87 9.99
CA LEU A 584 15.27 0.46 9.32
C LEU A 584 14.37 -0.22 10.34
N ALA A 585 13.26 0.44 10.68
CA ALA A 585 12.24 -0.17 11.52
C ALA A 585 11.23 -0.91 10.65
N ALA A 586 10.82 -2.09 11.09
CA ALA A 586 9.94 -2.92 10.30
C ALA A 586 8.93 -3.62 11.20
N LYS A 587 7.93 -4.23 10.56
CA LYS A 587 6.90 -4.99 11.28
C LYS A 587 6.26 -5.94 10.28
N THR A 588 6.23 -7.23 10.61
CA THR A 588 5.66 -8.24 9.74
C THR A 588 4.17 -8.41 10.03
N GLY A 589 3.54 -9.30 9.28
CA GLY A 589 2.12 -9.57 9.47
C GLY A 589 1.54 -10.56 8.48
N THR A 590 0.80 -11.54 8.99
CA THR A 590 0.15 -12.55 8.17
C THR A 590 -1.32 -12.63 8.59
N ALA A 591 -2.22 -12.44 7.63
CA ALA A 591 -3.65 -12.45 7.88
C ALA A 591 -4.30 -13.62 7.14
N GLU A 592 -5.30 -14.23 7.78
CA GLU A 592 -6.05 -15.34 7.21
C GLU A 592 -7.37 -14.80 6.68
N ILE A 593 -7.57 -14.90 5.37
CA ILE A 593 -8.80 -14.42 4.76
C ILE A 593 -9.63 -15.59 4.24
N LYS A 602 -6.49 -19.76 3.02
CA LYS A 602 -5.40 -18.98 2.44
C LYS A 602 -4.97 -17.84 3.36
N GLU A 603 -3.73 -17.39 3.20
CA GLU A 603 -3.15 -16.36 4.05
C GLU A 603 -2.36 -15.37 3.21
N ASN A 604 -2.44 -14.10 3.57
CA ASN A 604 -1.66 -13.05 2.94
C ASN A 604 -0.54 -12.60 3.88
N SER A 605 0.56 -12.13 3.30
CA SER A 605 1.71 -11.66 4.05
C SER A 605 1.89 -10.17 3.81
N PHE A 606 2.26 -9.45 4.88
CA PHE A 606 2.46 -8.02 4.84
C PHE A 606 3.83 -7.68 5.40
N LEU A 607 4.35 -6.52 4.98
CA LEU A 607 5.63 -6.02 5.48
C LEU A 607 5.62 -4.50 5.43
N LEU A 608 5.73 -3.87 6.59
CA LEU A 608 5.86 -2.43 6.72
C LEU A 608 7.28 -2.11 7.16
N THR A 609 7.97 -1.26 6.40
CA THR A 609 9.29 -0.79 6.78
C THR A 609 9.28 0.74 6.88
N LEU A 610 10.14 1.26 7.75
CA LEU A 610 10.19 2.69 8.04
C LEU A 610 11.65 3.13 8.01
N ASP A 611 11.94 4.09 7.14
CA ASP A 611 13.26 4.72 7.14
C ASP A 611 13.39 5.56 8.40
N ARG A 612 14.16 5.06 9.37
CA ARG A 612 14.45 5.82 10.57
C ARG A 612 15.79 6.53 10.52
N SER A 613 16.52 6.39 9.40
CA SER A 613 17.78 7.12 9.23
C SER A 613 17.53 8.57 8.81
N ASN A 614 16.60 8.78 7.87
CA ASN A 614 16.28 10.11 7.40
C ASN A 614 14.79 10.36 7.21
N ASN A 615 13.94 9.36 7.45
CA ASN A 615 12.48 9.49 7.29
C ASN A 615 12.12 9.96 5.88
N LYS A 616 12.74 9.34 4.88
CA LYS A 616 12.55 9.74 3.50
C LYS A 616 11.81 8.71 2.65
N PHE A 617 11.53 7.53 3.19
CA PHE A 617 10.70 6.57 2.47
C PHE A 617 9.96 5.69 3.48
N LEU A 618 8.85 5.13 3.01
CA LEU A 618 8.03 4.19 3.75
C LEU A 618 7.51 3.17 2.76
N THR A 619 7.49 1.89 3.15
CA THR A 619 7.06 0.83 2.27
C THR A 619 5.90 0.08 2.88
N MET A 620 4.95 -0.33 2.03
CA MET A 620 3.87 -1.24 2.41
C MET A 620 3.77 -2.29 1.32
N ILE A 621 4.23 -3.50 1.63
CA ILE A 621 4.30 -4.59 0.66
C ILE A 621 3.42 -5.72 1.16
N MET A 622 2.63 -6.30 0.25
CA MET A 622 1.81 -7.46 0.58
C MET A 622 1.91 -8.49 -0.54
N VAL A 623 1.78 -9.76 -0.16
CA VAL A 623 1.77 -10.88 -1.09
C VAL A 623 0.52 -11.71 -0.80
N GLU A 624 -0.33 -11.87 -1.81
CA GLU A 624 -1.54 -12.68 -1.66
C GLU A 624 -1.21 -14.16 -1.81
N ASN A 625 -1.90 -14.99 -1.03
CA ASN A 625 -1.66 -16.43 -0.98
C ASN A 625 -0.20 -16.71 -0.64
N SER A 626 0.21 -16.23 0.53
CA SER A 626 1.59 -16.39 0.97
C SER A 626 1.95 -17.82 1.32
N GLY A 627 0.95 -18.70 1.49
CA GLY A 627 1.23 -20.10 1.71
C GLY A 627 1.78 -20.78 0.48
N GLU A 628 1.45 -20.27 -0.71
CA GLU A 628 1.96 -20.79 -1.96
C GLU A 628 3.03 -19.88 -2.57
N ASN A 629 2.93 -18.57 -2.39
CA ASN A 629 3.81 -17.61 -3.03
C ASN A 629 4.88 -17.06 -2.09
N GLY A 630 4.90 -17.48 -0.83
CA GLY A 630 5.89 -17.01 0.12
C GLY A 630 5.49 -15.69 0.76
N SER A 631 6.26 -15.30 1.78
CA SER A 631 5.97 -14.08 2.49
C SER A 631 6.48 -12.86 1.74
N ALA A 632 6.00 -11.68 2.16
CA ALA A 632 6.48 -10.44 1.59
C ALA A 632 7.92 -10.16 1.96
N THR A 633 8.36 -10.63 3.14
CA THR A 633 9.74 -10.44 3.56
C THR A 633 10.70 -11.24 2.69
N ASP A 634 10.27 -12.39 2.18
CA ASP A 634 11.16 -13.26 1.41
C ASP A 634 11.55 -12.65 0.07
N ILE A 635 10.77 -11.72 -0.45
CA ILE A 635 11.02 -11.16 -1.78
C ILE A 635 11.36 -9.68 -1.76
N SER A 636 11.19 -9.00 -0.62
CA SER A 636 11.31 -7.55 -0.57
C SER A 636 12.73 -7.07 -0.31
N LYS A 637 13.69 -7.96 -0.13
CA LYS A 637 15.06 -7.52 0.13
C LYS A 637 15.65 -6.69 -1.01
N PRO A 638 15.50 -7.06 -2.29
CA PRO A 638 16.01 -6.17 -3.36
C PRO A 638 15.39 -4.79 -3.34
N LEU A 639 14.09 -4.69 -3.02
CA LEU A 639 13.43 -3.40 -2.96
C LEU A 639 14.00 -2.54 -1.82
N ILE A 640 14.05 -3.09 -0.61
CA ILE A 640 14.50 -2.31 0.54
C ILE A 640 15.96 -1.89 0.35
N ASP A 641 16.80 -2.79 -0.16
CA ASP A 641 18.20 -2.44 -0.44
C ASP A 641 18.30 -1.32 -1.46
N TYR A 642 17.41 -1.31 -2.45
CA TYR A 642 17.44 -0.26 -3.46
C TYR A 642 17.08 1.10 -2.87
N LEU A 643 16.08 1.15 -1.99
CA LEU A 643 15.67 2.43 -1.42
C LEU A 643 16.74 3.00 -0.49
N GLU A 644 17.37 2.15 0.32
CA GLU A 644 18.36 2.65 1.27
C GLU A 644 19.54 3.30 0.58
N ALA A 645 19.83 2.90 -0.67
CA ALA A 645 20.94 3.46 -1.42
C ALA A 645 20.54 4.67 -2.26
N THR A 646 19.33 4.69 -2.78
CA THR A 646 18.87 5.80 -3.62
C THR A 646 18.17 6.88 -2.79
N ILE A 647 17.06 6.53 -2.14
CA ILE A 647 16.33 7.52 -1.35
C ILE A 647 17.07 7.85 -0.06
N LYS A 648 17.73 6.84 0.53
CA LYS A 648 18.53 7.03 1.75
C LYS A 648 17.69 7.56 2.92
S1 AI8 B . 0.48 -14.20 14.26
N2 AI8 B . 1.50 -12.02 12.92
S2 AI8 B . 2.99 -15.74 11.08
N3 AI8 B . -1.64 -12.90 12.78
O3 AI8 B . -0.63 -10.80 11.89
S3 AI8 B . 5.17 -15.27 13.28
C4 AI8 B . 0.51 -12.65 14.08
N4 AI8 B . -2.96 -15.63 11.45
O4 AI8 B . 3.75 -12.30 10.45
S4 AI8 B . -6.71 -13.32 10.52
C5 AI8 B . -0.94 -12.12 13.75
N5 AI8 B . 5.32 -17.00 11.62
O5 AI8 B . 4.81 -12.21 12.36
C6 AI8 B . -0.77 -10.79 13.07
N6 AI8 B . -4.65 -12.34 11.07
O6 AI8 B . -3.00 -14.05 14.23
C7 AI8 B . 2.54 -13.03 12.41
N7 AI8 B . -5.84 -14.43 11.05
O7 AI8 B . -1.83 -16.30 11.93
C8 AI8 B . 1.09 -15.21 12.97
N8 AI8 B . -6.46 -10.77 10.13
C9 AI8 B . 1.93 -14.62 12.03
N9 AI8 B . 9.79 -19.86 12.28
C10 AI8 B . 3.78 -12.49 11.69
C11 AI8 B . -2.69 -13.86 13.11
C12 AI8 B . -3.37 -14.57 11.95
C13 AI8 B . 4.49 -15.93 12.06
C14 AI8 B . -4.60 -13.86 11.38
C15 AI8 B . 6.58 -17.06 12.55
C16 AI8 B . 6.47 -16.02 13.53
C17 AI8 B . 7.73 -18.04 12.45
C18 AI8 B . -5.90 -12.03 10.57
C19 AI8 B . 8.90 -17.70 11.85
C20 AI8 B . 7.58 -19.30 12.96
C21 AI8 B . -1.24 -17.03 10.89
C22 AI8 B . 9.93 -18.61 11.76
C23 AI8 B . 8.62 -20.21 12.87
C24 AI8 B . -0.46 -18.21 11.47
C25 AI8 B . 10.92 -20.74 12.14
P PO4 C . 6.05 -13.55 7.42
O1 PO4 C . 5.98 -13.13 8.87
O2 PO4 C . 7.47 -13.96 7.09
O3 PO4 C . 5.64 -12.40 6.53
O4 PO4 C . 5.12 -14.72 7.20
P PO4 D . 11.55 11.29 13.81
O1 PO4 D . 12.17 11.63 15.15
O2 PO4 D . 11.53 12.52 12.94
O3 PO4 D . 10.14 10.80 14.00
O4 PO4 D . 12.37 10.22 13.15
C1 GOL E . 20.62 -16.77 15.71
O1 GOL E . 21.00 -18.12 15.63
C2 GOL E . 19.15 -16.67 15.20
O2 GOL E . 18.90 -17.54 14.14
C3 GOL E . 18.26 -16.94 16.44
O3 GOL E . 16.92 -16.95 16.02
#